data_7HNK
#
_entry.id   7HNK
#
_cell.length_a   95.572
_cell.length_b   95.572
_cell.length_c   45.879
_cell.angle_alpha   90.000
_cell.angle_beta   90.000
_cell.angle_gamma   90.000
#
_symmetry.space_group_name_H-M   'I 4'
#
loop_
_entity.id
_entity.type
_entity.pdbx_description
1 polymer 'E3 ubiquitin-protein ligase TRIM21'
2 non-polymer 1-(2-azaspiro[5.6]dodecan-2-yl)ethan-1-one
3 non-polymer 1,2-ETHANEDIOL
4 non-polymer 'SULFATE ION'
5 non-polymer '4-(2-HYDROXYETHYL)-1-PIPERAZINE ETHANESULFONIC ACID'
6 water water
#
_entity_poly.entity_id   1
_entity_poly.type   'polypeptide(L)'
_entity_poly.pdbx_seq_one_letter_code
;MHHHHHHMVHITLDRNTANSWLIISKDRRQVRMGDTHQNVSDNKERFSNYPMVLGAQRFSSGKMYWEVDVTQKEAWDLGV
CRDSVQRKGQFSLSPENGFWTIWLWQDSYEAGTSPQTTLHIQVPPCQIGIFVDYEAGVVSFYNITDHGSLIYTFSECVFA
GPLRPFFNVGFNYSGGNAAPLKLCPLKM
;
_entity_poly.pdbx_strand_id   B
#
loop_
_chem_comp.id
_chem_comp.type
_chem_comp.name
_chem_comp.formula
EDO non-polymer 1,2-ETHANEDIOL 'C2 H6 O2'
EPE non-polymer '4-(2-HYDROXYETHYL)-1-PIPERAZINE ETHANESULFONIC ACID' 'C8 H18 N2 O4 S'
SO4 non-polymer 'SULFATE ION' 'O4 S -2'
WKG non-polymer 1-(2-azaspiro[5.6]dodecan-2-yl)ethan-1-one 'C13 H23 N O'
#
# COMPACT_ATOMS: atom_id res chain seq x y z
N HIS A 2 -18.76 -0.60 7.58
CA HIS A 2 -18.30 -2.02 7.65
C HIS A 2 -18.07 -2.41 9.11
N HIS A 3 -17.98 -3.73 9.37
CA HIS A 3 -17.67 -4.33 10.69
C HIS A 3 -16.50 -5.31 10.53
N HIS A 4 -15.38 -4.85 9.93
CA HIS A 4 -14.11 -5.59 9.66
C HIS A 4 -13.05 -5.30 10.73
N HIS A 5 -13.27 -4.27 11.55
CA HIS A 5 -12.33 -3.75 12.59
C HIS A 5 -11.79 -4.90 13.46
N HIS A 6 -12.63 -5.89 13.79
CA HIS A 6 -12.29 -7.05 14.67
C HIS A 6 -11.22 -7.96 14.05
N HIS A 7 -10.93 -7.85 12.74
CA HIS A 7 -9.82 -8.61 12.09
C HIS A 7 -8.56 -7.77 12.04
N MET A 8 -8.46 -6.75 12.89
CA MET A 8 -7.32 -5.81 12.90
C MET A 8 -6.01 -6.58 13.12
N VAL A 9 -4.96 -6.25 12.36
CA VAL A 9 -3.61 -6.86 12.49
C VAL A 9 -2.58 -5.72 12.67
N HIS A 10 -1.50 -6.01 13.39
CA HIS A 10 -0.43 -5.01 13.70
C HIS A 10 0.62 -5.14 12.59
N ILE A 11 0.62 -4.21 11.65
CA ILE A 11 1.54 -4.27 10.48
C ILE A 11 2.81 -3.47 10.86
N THR A 12 3.95 -4.00 10.50
CA THR A 12 5.24 -3.27 10.59
C THR A 12 5.92 -3.29 9.22
N LEU A 13 6.74 -2.29 8.92
CA LEU A 13 7.42 -2.19 7.62
C LEU A 13 8.74 -2.97 7.63
N ASP A 14 9.06 -3.58 6.53
CA ASP A 14 10.30 -4.37 6.36
C ASP A 14 11.35 -3.47 5.63
N ARG A 15 12.29 -2.92 6.42
N ARG A 15 12.32 -2.93 6.39
CA ARG A 15 13.45 -2.10 5.98
CA ARG A 15 13.36 -2.01 5.87
C ARG A 15 14.14 -2.68 4.75
C ARG A 15 14.18 -2.67 4.76
N ASN A 16 14.31 -4.00 4.74
CA ASN A 16 15.14 -4.68 3.73
C ASN A 16 14.51 -4.59 2.35
N THR A 17 13.17 -4.37 2.27
CA THR A 17 12.45 -4.29 0.99
C THR A 17 12.38 -2.85 0.51
N ALA A 18 12.73 -1.89 1.34
CA ALA A 18 12.51 -0.45 1.03
C ALA A 18 13.44 0.04 -0.08
N ASN A 19 12.91 0.86 -0.97
CA ASN A 19 13.73 1.72 -1.83
C ASN A 19 14.76 2.45 -0.92
N SER A 20 15.95 2.62 -1.45
CA SER A 20 17.10 3.12 -0.67
C SER A 20 16.95 4.59 -0.28
N TRP A 21 15.94 5.32 -0.77
CA TRP A 21 15.70 6.72 -0.38
C TRP A 21 14.66 6.81 0.73
N LEU A 22 14.07 5.68 1.17
CA LEU A 22 13.03 5.75 2.22
C LEU A 22 13.65 5.79 3.62
N ILE A 23 12.95 6.49 4.49
CA ILE A 23 13.26 6.54 5.94
C ILE A 23 12.08 5.94 6.69
N ILE A 24 12.34 4.79 7.29
CA ILE A 24 11.36 4.06 8.14
C ILE A 24 11.64 4.41 9.60
N SER A 25 10.60 4.75 10.34
CA SER A 25 10.70 5.15 11.75
C SER A 25 11.19 3.97 12.60
N LYS A 26 11.71 4.29 13.79
CA LYS A 26 12.25 3.29 14.75
C LYS A 26 11.20 2.21 15.05
N ASP A 27 9.93 2.61 15.19
CA ASP A 27 8.83 1.67 15.53
C ASP A 27 8.38 0.87 14.29
N ARG A 28 8.94 1.16 13.12
CA ARG A 28 8.60 0.46 11.85
C ARG A 28 7.11 0.68 11.52
N ARG A 29 6.51 1.78 11.94
CA ARG A 29 5.10 2.09 11.61
C ARG A 29 4.93 3.29 10.69
N GLN A 30 5.99 4.04 10.36
CA GLN A 30 5.92 5.23 9.48
C GLN A 30 7.05 5.18 8.45
N VAL A 31 6.76 5.71 7.27
CA VAL A 31 7.74 5.75 6.16
C VAL A 31 7.58 7.07 5.44
N ARG A 32 8.69 7.67 5.06
CA ARG A 32 8.66 8.87 4.20
C ARG A 32 9.85 8.84 3.25
N MET A 33 9.72 9.65 2.20
N MET A 33 9.76 9.62 2.17
CA MET A 33 10.81 9.91 1.21
CA MET A 33 10.86 9.71 1.17
C MET A 33 11.90 10.74 1.89
C MET A 33 11.89 10.73 1.64
N GLY A 34 13.14 10.28 1.79
CA GLY A 34 14.29 11.11 2.20
C GLY A 34 14.69 12.02 1.06
N ASP A 35 15.56 12.99 1.34
CA ASP A 35 15.95 13.97 0.26
C ASP A 35 17.17 13.39 -0.48
N THR A 36 17.68 12.22 -0.09
CA THR A 36 18.87 11.58 -0.72
C THR A 36 18.83 10.07 -0.51
N HIS A 37 19.80 9.32 -1.05
CA HIS A 37 20.12 7.92 -0.67
C HIS A 37 20.31 7.84 0.85
N GLN A 38 19.69 6.86 1.50
CA GLN A 38 19.75 6.74 2.98
C GLN A 38 20.88 5.83 3.52
N ASN A 39 21.94 5.63 2.77
CA ASN A 39 23.23 5.07 3.28
C ASN A 39 23.08 3.60 3.67
N VAL A 40 22.27 2.84 2.91
CA VAL A 40 22.08 1.38 3.08
C VAL A 40 22.71 0.63 1.88
N SER A 41 23.12 -0.60 2.09
CA SER A 41 23.57 -1.48 0.98
C SER A 41 22.38 -1.87 0.08
N ASP A 42 22.65 -2.15 -1.20
CA ASP A 42 21.65 -2.69 -2.15
C ASP A 42 21.46 -4.15 -1.84
N ASN A 43 20.30 -4.68 -2.22
CA ASN A 43 19.94 -6.11 -2.12
C ASN A 43 18.84 -6.38 -3.15
N LYS A 44 18.58 -7.64 -3.40
CA LYS A 44 17.66 -8.06 -4.47
C LYS A 44 16.20 -7.81 -4.04
N GLU A 45 15.94 -7.54 -2.76
CA GLU A 45 14.54 -7.27 -2.30
C GLU A 45 14.15 -5.83 -2.60
N ARG A 46 15.09 -4.89 -2.65
CA ARG A 46 14.68 -3.46 -2.66
C ARG A 46 13.97 -3.07 -3.96
N PHE A 47 12.86 -2.35 -3.86
CA PHE A 47 12.26 -1.73 -5.04
C PHE A 47 13.21 -0.66 -5.58
N SER A 48 13.63 -0.75 -6.84
CA SER A 48 14.66 0.18 -7.39
C SER A 48 14.04 1.44 -7.99
N ASN A 49 12.93 1.39 -8.68
CA ASN A 49 12.49 2.50 -9.54
C ASN A 49 11.49 3.42 -8.86
N TYR A 50 10.93 2.97 -7.72
CA TYR A 50 9.80 3.69 -7.10
C TYR A 50 10.00 3.68 -5.60
N PRO A 51 9.41 4.64 -4.87
CA PRO A 51 9.56 4.74 -3.40
C PRO A 51 8.60 3.80 -2.65
N MET A 52 8.81 2.50 -2.88
CA MET A 52 7.94 1.40 -2.37
C MET A 52 8.63 0.63 -1.24
N VAL A 53 7.79 0.03 -0.39
CA VAL A 53 8.25 -0.83 0.73
C VAL A 53 7.12 -1.83 1.02
N LEU A 54 7.47 -3.00 1.52
CA LEU A 54 6.49 -4.03 1.96
C LEU A 54 6.36 -4.09 3.47
N GLY A 55 5.20 -4.50 3.94
CA GLY A 55 5.06 -4.94 5.34
C GLY A 55 5.87 -6.22 5.56
N ALA A 56 6.25 -6.46 6.80
CA ALA A 56 6.98 -7.69 7.20
C ALA A 56 6.04 -8.90 7.21
N GLN A 57 4.78 -8.68 7.51
CA GLN A 57 3.82 -9.78 7.70
C GLN A 57 3.53 -10.45 6.36
N ARG A 58 3.41 -11.79 6.33
CA ARG A 58 2.95 -12.57 5.17
C ARG A 58 1.61 -13.20 5.51
N PHE A 59 0.62 -13.13 4.64
CA PHE A 59 -0.72 -13.71 4.90
C PHE A 59 -1.01 -14.75 3.83
N SER A 60 -1.41 -15.96 4.23
N SER A 60 -1.41 -15.98 4.24
CA SER A 60 -1.75 -17.07 3.29
CA SER A 60 -1.76 -17.09 3.32
C SER A 60 -3.15 -17.64 3.59
C SER A 60 -3.12 -17.68 3.69
N SER A 61 -3.83 -17.11 4.61
N SER A 61 -3.89 -16.99 4.53
CA SER A 61 -5.19 -17.52 5.03
CA SER A 61 -5.18 -17.49 5.03
C SER A 61 -5.86 -16.39 5.81
C SER A 61 -5.85 -16.44 5.90
N GLY A 62 -7.17 -16.51 6.03
CA GLY A 62 -7.88 -15.68 7.01
C GLY A 62 -8.28 -14.31 6.50
N LYS A 63 -8.76 -13.51 7.43
CA LYS A 63 -9.28 -12.17 7.20
C LYS A 63 -8.35 -11.24 7.97
N MET A 64 -7.92 -10.14 7.36
CA MET A 64 -6.94 -9.18 7.91
C MET A 64 -7.42 -7.77 7.60
N TYR A 65 -7.20 -6.85 8.52
CA TYR A 65 -7.61 -5.44 8.35
C TYR A 65 -6.54 -4.54 8.93
N TRP A 66 -6.19 -3.49 8.23
CA TRP A 66 -5.31 -2.44 8.80
C TRP A 66 -5.68 -1.08 8.21
N GLU A 67 -5.13 -0.01 8.81
CA GLU A 67 -5.47 1.38 8.43
C GLU A 67 -4.20 2.18 8.23
N VAL A 68 -4.20 3.02 7.21
CA VAL A 68 -3.03 3.86 6.86
C VAL A 68 -3.45 5.34 6.80
N ASP A 69 -2.63 6.23 7.38
CA ASP A 69 -2.80 7.70 7.37
C ASP A 69 -2.09 8.24 6.13
N VAL A 70 -2.82 8.98 5.31
CA VAL A 70 -2.31 9.59 4.06
C VAL A 70 -2.43 11.14 4.13
N THR A 71 -2.66 11.70 5.31
CA THR A 71 -2.88 13.16 5.48
C THR A 71 -1.82 13.99 4.71
N GLN A 72 -2.33 14.94 3.94
CA GLN A 72 -1.63 16.00 3.17
C GLN A 72 -0.69 15.41 2.11
N LYS A 73 -0.81 14.14 1.74
CA LYS A 73 -0.02 13.68 0.59
C LYS A 73 -0.73 13.95 -0.75
N GLU A 74 0.03 14.24 -1.78
CA GLU A 74 -0.43 14.47 -3.16
C GLU A 74 -0.48 13.16 -3.98
N ALA A 75 0.33 12.17 -3.59
CA ALA A 75 0.46 10.95 -4.41
C ALA A 75 0.86 9.81 -3.48
N TRP A 76 0.33 8.62 -3.73
CA TRP A 76 0.64 7.38 -2.96
C TRP A 76 -0.07 6.22 -3.62
N ASP A 77 0.45 5.02 -3.37
CA ASP A 77 -0.22 3.74 -3.75
C ASP A 77 -0.37 2.92 -2.45
N LEU A 78 -1.47 2.18 -2.25
CA LEU A 78 -1.68 1.32 -1.06
C LEU A 78 -2.38 0.05 -1.51
N GLY A 79 -2.03 -1.03 -0.84
CA GLY A 79 -2.85 -2.25 -0.94
C GLY A 79 -2.05 -3.44 -0.47
N VAL A 80 -2.17 -4.56 -1.21
N VAL A 80 -2.07 -4.51 -1.25
CA VAL A 80 -1.40 -5.81 -1.00
CA VAL A 80 -1.38 -5.78 -0.91
C VAL A 80 -0.71 -6.25 -2.28
C VAL A 80 -0.83 -6.39 -2.21
N CYS A 81 0.27 -7.13 -2.14
CA CYS A 81 0.88 -7.72 -3.31
C CYS A 81 1.39 -9.12 -2.98
N ARG A 82 1.63 -9.90 -4.01
N ARG A 82 1.61 -9.93 -4.01
CA ARG A 82 2.31 -11.21 -3.87
CA ARG A 82 2.23 -11.26 -3.86
C ARG A 82 3.68 -11.01 -3.25
C ARG A 82 3.68 -11.09 -3.37
N ASP A 83 4.13 -11.99 -2.49
CA ASP A 83 5.51 -11.92 -1.94
C ASP A 83 6.50 -11.94 -3.09
N SER A 84 6.20 -12.50 -4.26
CA SER A 84 7.18 -12.68 -5.34
C SER A 84 7.10 -11.60 -6.42
N VAL A 85 6.45 -10.45 -6.17
CA VAL A 85 6.40 -9.39 -7.19
C VAL A 85 7.81 -8.95 -7.57
N GLN A 86 7.92 -8.55 -8.83
CA GLN A 86 9.13 -7.91 -9.41
C GLN A 86 9.57 -6.71 -8.53
N ARG A 87 10.86 -6.54 -8.29
CA ARG A 87 11.40 -5.44 -7.45
C ARG A 87 12.17 -4.46 -8.34
N LYS A 88 12.78 -4.93 -9.44
CA LYS A 88 13.74 -4.10 -10.20
C LYS A 88 13.14 -3.67 -11.53
N GLY A 89 13.41 -2.45 -11.94
CA GLY A 89 12.95 -1.94 -13.23
C GLY A 89 11.53 -1.42 -13.21
N GLN A 90 11.00 -1.18 -14.39
CA GLN A 90 9.66 -0.58 -14.56
C GLN A 90 8.60 -1.67 -14.62
N PHE A 91 7.45 -1.42 -14.00
CA PHE A 91 6.27 -2.32 -14.03
C PHE A 91 5.02 -1.53 -13.68
N SER A 92 3.86 -2.02 -14.11
N SER A 92 3.88 -2.07 -14.10
CA SER A 92 2.56 -1.42 -13.74
CA SER A 92 2.53 -1.55 -13.80
C SER A 92 1.96 -2.18 -12.56
C SER A 92 1.98 -2.20 -12.53
N LEU A 93 1.21 -1.45 -11.73
CA LEU A 93 0.48 -2.05 -10.60
C LEU A 93 -0.80 -2.66 -11.15
N SER A 94 -0.89 -3.99 -11.27
CA SER A 94 -2.07 -4.68 -11.84
C SER A 94 -2.16 -6.02 -11.18
N PRO A 95 -3.33 -6.66 -11.13
CA PRO A 95 -3.44 -8.03 -10.63
C PRO A 95 -2.61 -9.03 -11.44
N GLU A 96 -2.46 -8.80 -12.75
CA GLU A 96 -1.63 -9.68 -13.62
C GLU A 96 -0.18 -9.66 -13.11
N ASN A 97 0.29 -8.55 -12.59
CA ASN A 97 1.66 -8.45 -12.03
C ASN A 97 1.69 -8.75 -10.53
N GLY A 98 0.59 -9.17 -9.89
CA GLY A 98 0.59 -9.52 -8.46
C GLY A 98 0.32 -8.38 -7.49
N PHE A 99 -0.41 -7.34 -7.91
CA PHE A 99 -0.74 -6.19 -7.02
C PHE A 99 -2.25 -5.94 -7.00
N TRP A 100 -2.79 -5.67 -5.82
CA TRP A 100 -4.21 -5.26 -5.58
C TRP A 100 -4.14 -3.93 -4.81
N THR A 101 -4.30 -2.83 -5.55
CA THR A 101 -3.90 -1.50 -5.03
C THR A 101 -4.92 -0.44 -5.46
N ILE A 102 -4.93 0.66 -4.75
CA ILE A 102 -5.55 1.94 -5.19
C ILE A 102 -4.46 3.01 -5.05
N TRP A 103 -4.74 4.15 -5.65
CA TRP A 103 -3.77 5.26 -5.59
C TRP A 103 -4.44 6.60 -5.74
N LEU A 104 -3.64 7.60 -5.33
CA LEU A 104 -3.92 9.03 -5.59
C LEU A 104 -2.83 9.56 -6.51
N TRP A 105 -3.21 10.26 -7.57
CA TRP A 105 -2.27 10.86 -8.52
C TRP A 105 -2.96 12.04 -9.19
N GLN A 106 -2.34 13.23 -9.12
CA GLN A 106 -2.89 14.43 -9.83
C GLN A 106 -4.36 14.63 -9.55
N ASP A 107 -4.72 14.65 -8.29
CA ASP A 107 -6.09 15.02 -7.86
C ASP A 107 -7.14 13.99 -8.31
N SER A 108 -6.77 12.81 -8.76
CA SER A 108 -7.77 11.73 -8.98
C SER A 108 -7.38 10.45 -8.23
N TYR A 109 -8.37 9.72 -7.78
CA TYR A 109 -8.19 8.39 -7.13
C TYR A 109 -8.54 7.31 -8.14
N GLU A 110 -7.71 6.27 -8.25
N GLU A 110 -7.68 6.29 -8.25
CA GLU A 110 -7.93 5.18 -9.22
CA GLU A 110 -7.85 5.18 -9.22
C GLU A 110 -7.55 3.83 -8.62
C GLU A 110 -7.65 3.83 -8.49
N ALA A 111 -8.29 2.78 -9.01
CA ALA A 111 -7.94 1.39 -8.65
C ALA A 111 -6.99 0.83 -9.70
N GLY A 112 -6.01 0.07 -9.22
CA GLY A 112 -4.92 -0.53 -10.03
C GLY A 112 -5.39 -1.75 -10.78
N THR A 113 -6.45 -1.64 -11.55
CA THR A 113 -6.85 -2.64 -12.55
C THR A 113 -6.08 -2.34 -13.83
N SER A 114 -6.15 -3.22 -14.84
CA SER A 114 -5.52 -2.94 -16.15
C SER A 114 -6.58 -2.97 -17.25
N PRO A 115 -6.98 -1.82 -17.82
CA PRO A 115 -6.51 -0.50 -17.43
C PRO A 115 -7.18 -0.01 -16.14
N GLN A 116 -6.65 1.06 -15.58
CA GLN A 116 -7.05 1.53 -14.25
C GLN A 116 -8.50 2.02 -14.24
N THR A 117 -9.13 1.92 -13.07
CA THR A 117 -10.54 2.27 -12.87
C THR A 117 -10.63 3.57 -12.09
N THR A 118 -11.44 4.54 -12.55
CA THR A 118 -11.79 5.78 -11.81
C THR A 118 -12.54 5.48 -10.52
N LEU A 119 -12.14 6.05 -9.39
CA LEU A 119 -12.85 5.92 -8.11
C LEU A 119 -13.69 7.20 -7.95
N HIS A 120 -14.76 7.10 -7.23
CA HIS A 120 -15.74 8.22 -7.03
C HIS A 120 -15.68 8.52 -5.55
N ILE A 121 -14.83 9.46 -5.15
CA ILE A 121 -14.65 9.80 -3.71
C ILE A 121 -15.12 11.27 -3.51
N GLN A 122 -16.13 11.47 -2.68
CA GLN A 122 -16.71 12.84 -2.45
C GLN A 122 -15.91 13.51 -1.32
N VAL A 123 -15.41 12.71 -0.37
CA VAL A 123 -14.65 13.22 0.81
C VAL A 123 -13.21 12.72 0.74
N PRO A 124 -12.21 13.57 0.35
CA PRO A 124 -10.84 13.10 0.23
C PRO A 124 -10.41 12.41 1.52
N PRO A 125 -9.95 11.14 1.50
CA PRO A 125 -9.62 10.45 2.74
C PRO A 125 -8.31 10.93 3.38
N CYS A 126 -8.31 11.04 4.70
CA CYS A 126 -7.07 11.21 5.50
C CYS A 126 -6.58 9.84 6.01
N GLN A 127 -7.46 8.85 6.12
N GLN A 127 -7.48 8.86 6.05
CA GLN A 127 -7.07 7.46 6.52
CA GLN A 127 -7.17 7.49 6.52
C GLN A 127 -7.87 6.45 5.71
C GLN A 127 -7.87 6.49 5.59
N ILE A 128 -7.18 5.40 5.29
CA ILE A 128 -7.68 4.35 4.37
C ILE A 128 -7.68 3.06 5.19
N GLY A 129 -8.78 2.31 5.15
CA GLY A 129 -8.83 0.95 5.70
C GLY A 129 -8.73 -0.08 4.58
N ILE A 130 -7.88 -1.11 4.81
CA ILE A 130 -7.63 -2.20 3.84
C ILE A 130 -8.05 -3.51 4.48
N PHE A 131 -8.91 -4.22 3.77
CA PHE A 131 -9.48 -5.52 4.23
C PHE A 131 -9.13 -6.58 3.20
N VAL A 132 -8.53 -7.68 3.67
CA VAL A 132 -8.21 -8.85 2.81
C VAL A 132 -8.92 -10.10 3.36
N ASP A 133 -9.69 -10.75 2.52
CA ASP A 133 -10.24 -12.11 2.83
C ASP A 133 -9.56 -13.08 1.87
N TYR A 134 -8.57 -13.81 2.40
CA TYR A 134 -7.74 -14.68 1.55
C TYR A 134 -8.56 -15.78 0.87
N GLU A 135 -9.37 -16.46 1.64
CA GLU A 135 -10.17 -17.59 1.11
C GLU A 135 -11.19 -17.07 0.10
N ALA A 136 -11.87 -15.96 0.37
CA ALA A 136 -12.88 -15.42 -0.54
C ALA A 136 -12.27 -14.78 -1.81
N GLY A 137 -10.98 -14.44 -1.80
CA GLY A 137 -10.36 -13.75 -2.92
C GLY A 137 -10.85 -12.30 -3.01
N VAL A 138 -10.82 -11.58 -1.90
CA VAL A 138 -11.35 -10.18 -1.82
C VAL A 138 -10.28 -9.26 -1.24
N VAL A 139 -10.14 -8.09 -1.86
CA VAL A 139 -9.39 -6.96 -1.24
C VAL A 139 -10.32 -5.74 -1.31
N SER A 140 -10.63 -5.15 -0.18
CA SER A 140 -11.54 -3.99 -0.15
C SER A 140 -10.82 -2.81 0.52
N PHE A 141 -11.24 -1.61 0.13
CA PHE A 141 -10.68 -0.32 0.60
C PHE A 141 -11.84 0.53 1.11
N TYR A 142 -11.61 1.15 2.26
CA TYR A 142 -12.63 1.92 3.01
C TYR A 142 -12.09 3.32 3.31
N ASN A 143 -13.00 4.29 3.27
CA ASN A 143 -12.68 5.73 3.54
C ASN A 143 -12.98 5.99 5.02
N ILE A 144 -11.98 6.00 5.88
CA ILE A 144 -12.20 6.09 7.35
C ILE A 144 -12.70 7.52 7.63
N THR A 145 -12.27 8.50 6.87
CA THR A 145 -12.67 9.93 7.08
C THR A 145 -14.16 10.07 6.86
N ASP A 146 -14.73 9.29 5.95
CA ASP A 146 -16.17 9.31 5.58
C ASP A 146 -16.90 8.12 6.22
N HIS A 147 -16.74 7.90 7.52
CA HIS A 147 -17.55 6.93 8.31
C HIS A 147 -17.35 5.52 7.72
N GLY A 148 -16.22 5.24 7.07
CA GLY A 148 -15.95 3.86 6.62
C GLY A 148 -16.54 3.52 5.26
N SER A 149 -16.97 4.49 4.47
CA SER A 149 -17.65 4.24 3.18
C SER A 149 -16.75 3.40 2.25
N LEU A 150 -17.35 2.51 1.49
CA LEU A 150 -16.55 1.70 0.55
C LEU A 150 -15.97 2.55 -0.57
N ILE A 151 -14.69 2.36 -0.83
CA ILE A 151 -13.97 2.93 -1.98
C ILE A 151 -13.97 1.97 -3.17
N TYR A 152 -13.51 0.73 -2.93
CA TYR A 152 -13.31 -0.22 -4.04
C TYR A 152 -13.16 -1.64 -3.48
N THR A 153 -13.75 -2.61 -4.21
CA THR A 153 -13.60 -4.07 -3.93
C THR A 153 -13.04 -4.76 -5.16
N PHE A 154 -11.86 -5.36 -5.02
CA PHE A 154 -11.34 -6.38 -5.96
C PHE A 154 -11.93 -7.74 -5.55
N SER A 155 -12.68 -8.37 -6.43
CA SER A 155 -13.23 -9.71 -6.13
C SER A 155 -12.69 -10.69 -7.16
N GLU A 156 -12.88 -11.99 -6.86
CA GLU A 156 -12.34 -13.07 -7.74
C GLU A 156 -10.81 -12.94 -7.87
N CYS A 157 -10.15 -12.48 -6.81
CA CYS A 157 -8.69 -12.29 -6.82
C CYS A 157 -8.00 -13.67 -6.94
N VAL A 158 -6.97 -13.74 -7.75
CA VAL A 158 -6.15 -14.97 -7.84
C VAL A 158 -4.80 -14.63 -7.19
N PHE A 159 -4.71 -14.75 -5.87
CA PHE A 159 -3.49 -14.31 -5.13
C PHE A 159 -2.27 -15.09 -5.59
N ALA A 160 -2.40 -16.41 -5.71
CA ALA A 160 -1.36 -17.31 -6.25
C ALA A 160 -0.07 -17.26 -5.43
N GLY A 161 -0.16 -16.95 -4.17
CA GLY A 161 1.00 -16.93 -3.26
C GLY A 161 0.70 -16.23 -1.95
N PRO A 162 1.65 -16.17 -1.02
CA PRO A 162 1.51 -15.37 0.19
C PRO A 162 1.39 -13.88 -0.21
N LEU A 163 0.64 -13.15 0.59
CA LEU A 163 0.42 -11.70 0.37
C LEU A 163 1.23 -10.90 1.40
N ARG A 164 1.69 -9.73 0.99
CA ARG A 164 2.31 -8.77 1.88
C ARG A 164 1.63 -7.41 1.75
N PRO A 165 1.53 -6.66 2.86
CA PRO A 165 1.06 -5.27 2.77
C PRO A 165 2.03 -4.47 1.86
N PHE A 166 1.47 -3.60 1.04
CA PHE A 166 2.23 -2.86 0.00
C PHE A 166 2.00 -1.35 0.17
N PHE A 167 3.07 -0.57 0.02
CA PHE A 167 3.09 0.89 0.23
C PHE A 167 3.95 1.55 -0.86
N ASN A 168 3.48 2.68 -1.34
CA ASN A 168 4.29 3.62 -2.14
C ASN A 168 4.05 5.01 -1.58
N VAL A 169 5.11 5.68 -1.09
CA VAL A 169 4.96 7.05 -0.56
C VAL A 169 4.85 8.09 -1.69
N GLY A 170 5.19 7.66 -2.90
CA GLY A 170 5.22 8.54 -4.08
C GLY A 170 6.44 9.45 -4.16
N PHE A 171 6.60 10.02 -5.35
CA PHE A 171 7.67 10.99 -5.71
C PHE A 171 7.40 12.31 -4.97
N ASN A 172 8.42 13.16 -4.80
CA ASN A 172 8.20 14.50 -4.23
C ASN A 172 8.89 15.50 -5.17
N TYR A 173 8.56 15.46 -6.45
CA TYR A 173 9.09 16.47 -7.41
C TYR A 173 8.51 17.85 -7.09
N SER A 174 7.29 17.94 -6.55
CA SER A 174 6.51 19.18 -6.36
C SER A 174 6.94 19.90 -5.07
N GLY A 175 7.55 19.19 -4.13
CA GLY A 175 7.75 19.73 -2.76
C GLY A 175 6.49 19.70 -1.92
N GLY A 176 5.37 19.14 -2.43
CA GLY A 176 4.14 19.06 -1.66
C GLY A 176 3.77 17.63 -1.26
N ASN A 177 4.68 16.67 -1.46
CA ASN A 177 4.38 15.27 -1.12
C ASN A 177 5.39 14.65 -0.15
N ALA A 178 6.00 15.44 0.74
CA ALA A 178 6.99 14.91 1.70
C ALA A 178 6.38 14.13 2.86
N ALA A 179 5.08 14.32 3.11
CA ALA A 179 4.47 13.76 4.35
C ALA A 179 4.56 12.23 4.33
N PRO A 180 4.66 11.60 5.51
CA PRO A 180 4.77 10.15 5.61
C PRO A 180 3.43 9.40 5.38
N LEU A 181 3.55 8.11 5.06
CA LEU A 181 2.49 7.13 5.30
C LEU A 181 2.66 6.67 6.76
N LYS A 182 1.59 6.53 7.52
CA LYS A 182 1.65 6.06 8.91
C LYS A 182 0.65 4.94 9.11
N LEU A 183 1.10 3.84 9.68
CA LEU A 183 0.15 2.76 10.12
C LEU A 183 -0.56 3.22 11.39
N CYS A 184 -1.89 3.31 11.33
CA CYS A 184 -2.70 3.85 12.48
C CYS A 184 -2.87 2.83 13.58
N PRO A 185 -2.92 3.31 14.83
CA PRO A 185 -3.14 2.42 15.96
C PRO A 185 -4.52 1.75 15.83
N LEU A 186 -4.54 0.49 16.26
CA LEU A 186 -5.71 -0.37 16.56
C LEU A 186 -6.58 0.30 17.64
C10 WKG B . 13.06 8.18 -8.33
C13 WKG B . 12.74 6.54 -5.62
C15 WKG B . 13.07 9.04 -5.93
C01 WKG B . 12.09 13.83 -5.87
C02 WKG B . 11.65 12.48 -6.33
C05 WKG B . 13.76 12.29 -7.64
C06 WKG B . 14.85 11.38 -7.16
C07 WKG B . 14.62 9.97 -7.71
C08 WKG B . 13.21 9.42 -7.41
C09 WKG B . 12.14 10.47 -7.76
C11 WKG B . 13.81 6.91 -7.91
C12 WKG B . 13.00 6.00 -7.00
C14 WKG B . 12.09 7.89 -5.62
N04 WKG B . 12.45 11.78 -7.18
O03 WKG B . 10.58 12.02 -5.95
C1 EDO C . 17.50 1.39 -17.72
O1 EDO C . 16.90 1.06 -16.50
C2 EDO C . 16.74 2.43 -18.42
O2 EDO C . 16.84 3.63 -17.70
S SO4 D . 3.91 -3.93 -17.39
O1 SO4 D . 4.48 -4.23 -16.11
O2 SO4 D . 4.84 -4.28 -18.41
O3 SO4 D . 2.68 -4.70 -17.56
O4 SO4 D . 3.59 -2.53 -17.50
N1 EPE E . 1.40 4.75 -10.70
C2 EPE E . 0.16 5.25 -10.09
C3 EPE E . 0.40 6.42 -9.18
N4 EPE E . 1.36 6.09 -8.12
C5 EPE E . 2.61 5.62 -8.73
C6 EPE E . 2.36 4.42 -9.62
C7 EPE E . 1.55 7.24 -7.23
C8 EPE E . 2.76 7.16 -6.32
O8 EPE E . 3.94 7.52 -7.01
C9 EPE E . 1.13 3.55 -11.50
C10 EPE E . 1.49 3.66 -12.97
S EPE E . 1.00 2.18 -13.82
O1S EPE E . -0.10 2.56 -14.66
O2S EPE E . 0.76 1.22 -12.76
O3S EPE E . 2.26 1.83 -14.62
#